data_5MAH
#
_entry.id   5MAH
#
_cell.length_a   59.667
_cell.length_b   63.704
_cell.length_c   90.945
_cell.angle_alpha   90.00
_cell.angle_beta   90.00
_cell.angle_gamma   90.00
#
_symmetry.space_group_name_H-M   'P 21 21 21'
#
loop_
_entity.id
_entity.type
_entity.pdbx_description
1 polymer 'Maternal embryonic leucine zipper kinase'
2 non-polymer ~{N}-methyl-4-[[4-[[3-[methyl(methylsulfonyl)amino]pyrazin-2-yl]methylamino]-5-(trifluoromethyl)pyrimidin-2-yl]amino]benzamide
3 non-polymer GLYCEROL
4 non-polymer 'CHLORIDE ION'
5 non-polymer 'SODIUM ION'
6 water water
#
_entity_poly.entity_id   1
_entity_poly.type   'polypeptide(L)'
_entity_poly.pdbx_seq_one_letter_code
;GPKDYDELLKYYELHETIGTGGFAKVKLACHILTGEMVAIKIMDKNTLGSDLPRIKTEIEALKNLRHQHICQLYHVLETA
NKIFMVLEYCPGGELFDYIISQDRLSEEETRVVFRQIVSAVAYVHSQGYAHRDLKPENLLFDEYHKLKLIDFGLCAKPKG
NKDYHLQTCCGSLAYAAPELIQGKSYLGSEADVWSMGILLYVLMCGFLPFDDDNVMALYKKIMRGKYDVPKWLSPSSILL
LQQMLQVDPKKRISMKNLLNHPWIMQDYNYPVEWQSKNPFIHLDDDCVTELSVHHRNNRQTMEDLISLWQYDHLTATYLL
LLAKKARGKPVRLRLSSFSCGHHHHHH
;
_entity_poly.pdbx_strand_id   A
#
# COMPACT_ATOMS: atom_id res chain seq x y z
N LYS A 3 12.77 17.16 20.71
CA LYS A 3 12.91 16.21 21.85
C LYS A 3 12.91 14.78 21.29
N ASP A 4 11.74 14.36 20.82
CA ASP A 4 11.58 13.11 20.11
C ASP A 4 12.04 13.30 18.67
N TYR A 5 11.88 14.52 18.17
CA TYR A 5 12.34 14.91 16.85
C TYR A 5 13.86 15.05 16.74
N ASP A 6 14.56 15.08 17.86
CA ASP A 6 16.03 15.15 17.85
C ASP A 6 16.64 13.95 17.17
N GLU A 7 16.15 12.76 17.52
CA GLU A 7 16.66 11.53 16.92
C GLU A 7 16.42 11.51 15.40
N LEU A 8 15.20 11.85 15.00
CA LEU A 8 14.81 11.90 13.60
C LEU A 8 15.64 12.90 12.79
N LEU A 9 15.85 14.09 13.36
CA LEU A 9 16.57 15.18 12.68
C LEU A 9 18.06 14.95 12.49
N LYS A 10 18.63 13.94 13.16
CA LYS A 10 19.97 13.44 12.81
C LYS A 10 20.08 12.99 11.36
N TYR A 11 19.00 12.40 10.81
CA TYR A 11 19.07 11.72 9.53
C TYR A 11 18.14 12.29 8.45
N TYR A 12 17.14 13.07 8.83
CA TYR A 12 16.15 13.62 7.88
C TYR A 12 15.94 15.11 8.11
N GLU A 13 15.83 15.85 7.01
CA GLU A 13 15.29 17.22 7.00
C GLU A 13 13.78 17.13 6.76
N LEU A 14 13.00 17.63 7.71
CA LEU A 14 11.53 17.55 7.66
C LEU A 14 10.93 18.70 6.89
N HIS A 15 9.97 18.38 6.02
CA HIS A 15 9.24 19.38 5.25
C HIS A 15 7.79 19.36 5.67
N GLU A 16 6.88 19.82 4.80
CA GLU A 16 5.45 19.93 5.12
C GLU A 16 4.77 18.59 5.50
N THR A 17 3.76 18.69 6.37
CA THR A 17 2.80 17.60 6.61
C THR A 17 2.04 17.33 5.31
N ILE A 18 2.03 16.09 4.85
CA ILE A 18 1.32 15.76 3.60
C ILE A 18 0.04 14.99 3.85
N GLY A 19 -0.23 14.61 5.08
CA GLY A 19 -1.45 13.89 5.41
C GLY A 19 -1.60 13.72 6.89
N THR A 20 -2.85 13.73 7.35
CA THR A 20 -3.18 13.42 8.72
C THR A 20 -4.30 12.42 8.66
N GLY A 21 -4.22 11.41 9.51
CA GLY A 21 -5.26 10.40 9.61
C GLY A 21 -5.70 10.33 11.05
N GLY A 22 -6.42 9.28 11.37
CA GLY A 22 -6.84 9.02 12.74
C GLY A 22 -5.67 8.69 13.65
N PHE A 23 -4.70 7.95 13.12
CA PHE A 23 -3.67 7.33 13.95
C PHE A 23 -2.27 7.88 13.74
N ALA A 24 -2.08 8.71 12.71
CA ALA A 24 -0.75 9.17 12.32
C ALA A 24 -0.84 10.46 11.56
N LYS A 25 0.26 11.21 11.57
CA LYS A 25 0.48 12.27 10.58
C LYS A 25 1.74 11.90 9.81
N VAL A 26 1.81 12.37 8.59
CA VAL A 26 2.88 12.08 7.73
C VAL A 26 3.50 13.32 7.14
N LYS A 27 4.80 13.45 7.30
CA LYS A 27 5.52 14.56 6.71
C LYS A 27 6.40 14.13 5.56
N LEU A 28 6.49 14.96 4.55
CA LEU A 28 7.53 14.84 3.55
C LEU A 28 8.86 15.18 4.22
N ALA A 29 9.90 14.45 3.85
CA ALA A 29 11.23 14.63 4.44
C ALA A 29 12.27 14.24 3.43
N CYS A 30 13.51 14.65 3.67
CA CYS A 30 14.64 14.31 2.82
C CYS A 30 15.64 13.54 3.67
N HIS A 31 16.08 12.41 3.15
CA HIS A 31 17.05 11.58 3.83
C HIS A 31 18.42 12.15 3.55
N ILE A 32 19.03 12.70 4.58
CA ILE A 32 20.24 13.51 4.42
C ILE A 32 21.32 12.78 3.62
N LEU A 33 21.63 11.53 3.95
CA LEU A 33 22.78 10.87 3.30
C LEU A 33 22.63 10.60 1.82
N THR A 34 21.40 10.40 1.35
CA THR A 34 21.14 10.01 -0.03
C THR A 34 20.50 11.08 -0.85
N GLY A 35 19.97 12.13 -0.23
CA GLY A 35 19.12 13.10 -0.93
C GLY A 35 17.72 12.62 -1.29
N GLU A 36 17.33 11.42 -0.85
CA GLU A 36 16.05 10.85 -1.30
C GLU A 36 14.92 11.40 -0.48
N MET A 37 13.85 11.78 -1.15
CA MET A 37 12.62 12.16 -0.45
C MET A 37 11.95 10.89 0.09
N VAL A 38 11.38 11.01 1.28
CA VAL A 38 10.70 9.94 1.97
C VAL A 38 9.47 10.52 2.66
N ALA A 39 8.62 9.62 3.13
CA ALA A 39 7.41 9.99 3.86
C ALA A 39 7.54 9.45 5.26
N ILE A 40 7.47 10.32 6.26
CA ILE A 40 7.63 9.89 7.63
C ILE A 40 6.28 9.89 8.36
N LYS A 41 5.87 8.69 8.78
CA LYS A 41 4.66 8.47 9.51
C LYS A 41 4.99 8.62 10.98
N ILE A 42 4.29 9.53 11.63
CA ILE A 42 4.55 9.91 13.01
C ILE A 42 3.39 9.49 13.87
N MET A 43 3.68 8.73 14.92
CA MET A 43 2.67 8.24 15.84
C MET A 43 3.07 8.52 17.26
N ASP A 44 2.17 9.12 18.03
CA ASP A 44 2.41 9.38 19.43
C ASP A 44 1.90 8.18 20.24
N LYS A 45 2.82 7.53 20.95
CA LYS A 45 2.51 6.37 21.78
C LYS A 45 1.48 6.67 22.87
N ASN A 46 1.50 7.89 23.39
CA ASN A 46 0.61 8.27 24.50
C ASN A 46 -0.84 8.43 24.05
N THR A 47 -1.05 9.18 22.97
CA THR A 47 -2.40 9.43 22.45
C THR A 47 -2.99 8.27 21.63
N LEU A 48 -2.18 7.27 21.28
CA LEU A 48 -2.71 6.07 20.60
C LEU A 48 -3.24 5.07 21.59
N GLY A 49 -2.47 4.81 22.65
CA GLY A 49 -2.88 3.96 23.76
C GLY A 49 -3.27 2.55 23.35
N SER A 50 -4.58 2.30 23.28
CA SER A 50 -5.12 0.98 22.91
C SER A 50 -4.91 0.62 21.44
N ASP A 51 -4.76 1.61 20.57
CA ASP A 51 -4.47 1.39 19.14
C ASP A 51 -2.97 1.16 18.83
N LEU A 52 -2.10 1.25 19.84
CA LEU A 52 -0.67 0.95 19.65
C LEU A 52 -0.35 -0.41 18.96
N PRO A 53 -1.20 -1.44 19.17
CA PRO A 53 -1.09 -2.67 18.35
C PRO A 53 -1.16 -2.46 16.82
N ARG A 54 -1.93 -1.49 16.33
CA ARG A 54 -1.92 -1.15 14.90
C ARG A 54 -0.52 -0.83 14.35
N ILE A 55 0.32 -0.20 15.17
CA ILE A 55 1.66 0.17 14.75
C ILE A 55 2.55 -1.05 14.55
N LYS A 56 2.57 -1.92 15.54
CA LYS A 56 3.39 -3.13 15.48
C LYS A 56 2.92 -4.07 14.37
N THR A 57 1.61 -4.14 14.18
CA THR A 57 1.01 -4.91 13.10
C THR A 57 1.56 -4.42 11.76
N GLU A 58 1.43 -3.14 11.49
CA GLU A 58 1.89 -2.58 10.23
C GLU A 58 3.37 -2.82 10.07
N ILE A 59 4.12 -2.62 11.16
CA ILE A 59 5.56 -2.73 11.10
C ILE A 59 5.95 -4.17 10.79
N GLU A 60 5.35 -5.13 11.47
CA GLU A 60 5.75 -6.51 11.18
C GLU A 60 5.32 -6.95 9.78
N ALA A 61 4.13 -6.56 9.35
CA ALA A 61 3.70 -6.82 7.98
C ALA A 61 4.69 -6.28 6.95
N LEU A 62 5.08 -5.01 7.10
CA LEU A 62 5.93 -4.36 6.11
C LEU A 62 7.34 -4.90 6.08
N LYS A 63 7.84 -5.40 7.21
CA LYS A 63 9.11 -6.14 7.20
C LYS A 63 9.03 -7.44 6.39
N ASN A 64 7.84 -7.99 6.19
CA ASN A 64 7.63 -9.20 5.40
C ASN A 64 7.03 -9.01 4.02
N LEU A 65 6.92 -7.77 3.57
CA LEU A 65 6.34 -7.48 2.27
C LEU A 65 7.33 -6.65 1.50
N ARG A 66 7.63 -7.10 0.29
CA ARG A 66 8.57 -6.45 -0.57
C ARG A 66 8.04 -6.70 -1.98
N HIS A 67 7.53 -5.64 -2.61
CA HIS A 67 6.73 -5.80 -3.84
C HIS A 67 6.62 -4.45 -4.57
N GLN A 68 6.66 -4.53 -5.89
CA GLN A 68 6.56 -3.36 -6.77
C GLN A 68 5.33 -2.45 -6.58
N HIS A 69 4.26 -2.97 -5.99
CA HIS A 69 3.05 -2.23 -5.73
C HIS A 69 2.74 -2.13 -4.24
N ILE A 70 3.77 -2.26 -3.40
CA ILE A 70 3.59 -2.04 -1.97
C ILE A 70 4.63 -0.99 -1.51
N CYS A 71 4.15 -0.01 -0.77
CA CYS A 71 4.97 1.06 -0.24
C CYS A 71 6.03 0.51 0.71
N GLN A 72 7.27 0.78 0.40
CA GLN A 72 8.40 0.18 1.11
C GLN A 72 8.70 0.89 2.44
N LEU A 73 8.99 0.08 3.46
CA LEU A 73 9.46 0.58 4.75
C LEU A 73 10.98 0.68 4.73
N TYR A 74 11.51 1.76 5.30
CA TYR A 74 12.95 2.00 5.34
C TYR A 74 13.55 2.00 6.73
N HIS A 75 12.86 2.57 7.71
CA HIS A 75 13.49 2.94 8.98
C HIS A 75 12.35 2.98 9.99
N VAL A 76 12.57 2.36 11.14
CA VAL A 76 11.69 2.52 12.27
C VAL A 76 12.50 3.12 13.40
N LEU A 77 12.06 4.26 13.92
CA LEU A 77 12.71 4.92 15.05
C LEU A 77 11.68 5.06 16.16
N GLU A 78 12.05 4.61 17.36
CA GLU A 78 11.20 4.77 18.51
C GLU A 78 11.91 5.69 19.49
N THR A 79 11.20 6.70 19.95
CA THR A 79 11.71 7.58 20.99
C THR A 79 10.83 7.38 22.21
N ALA A 80 11.10 8.15 23.25
CA ALA A 80 10.31 8.15 24.48
C ALA A 80 8.82 8.17 24.22
N ASN A 81 8.37 9.12 23.38
CA ASN A 81 6.93 9.34 23.12
C ASN A 81 6.43 9.02 21.72
N LYS A 82 7.33 8.94 20.73
CA LYS A 82 6.92 8.74 19.33
C LYS A 82 7.40 7.41 18.76
N ILE A 83 6.69 6.97 17.72
CA ILE A 83 7.21 6.02 16.77
C ILE A 83 7.20 6.67 15.40
N PHE A 84 8.36 6.57 14.73
CA PHE A 84 8.56 7.12 13.41
C PHE A 84 8.78 5.97 12.43
N MET A 85 7.99 5.93 11.38
CA MET A 85 8.13 4.98 10.32
C MET A 85 8.46 5.75 9.04
N VAL A 86 9.61 5.52 8.47
CA VAL A 86 10.06 6.18 7.27
C VAL A 86 9.70 5.28 6.11
N LEU A 87 8.89 5.81 5.21
CA LEU A 87 8.36 5.06 4.10
C LEU A 87 8.65 5.74 2.79
N GLU A 88 8.45 4.98 1.74
CA GLU A 88 8.55 5.44 0.39
C GLU A 88 7.55 6.56 0.13
N TYR A 89 8.04 7.67 -0.41
CA TYR A 89 7.21 8.84 -0.70
C TYR A 89 6.60 8.66 -2.08
N CYS A 90 5.28 8.78 -2.20
CA CYS A 90 4.60 8.67 -3.49
C CYS A 90 4.14 10.07 -3.90
N PRO A 91 4.86 10.70 -4.84
CA PRO A 91 4.58 12.12 -5.11
C PRO A 91 3.29 12.37 -5.88
N GLY A 92 2.68 11.34 -6.47
CA GLY A 92 1.40 11.48 -7.16
C GLY A 92 0.18 11.55 -6.24
N GLY A 93 0.34 11.35 -4.94
CA GLY A 93 -0.78 11.37 -4.05
C GLY A 93 -1.74 10.21 -4.29
N GLU A 94 -2.98 10.41 -3.86
CA GLU A 94 -3.99 9.36 -3.70
C GLU A 94 -4.73 9.06 -4.96
N LEU A 95 -5.00 7.77 -5.17
CA LEU A 95 -5.87 7.35 -6.26
C LEU A 95 -7.22 8.05 -6.15
N PHE A 96 -7.75 8.16 -4.94
CA PHE A 96 -9.04 8.81 -4.70
C PHE A 96 -9.10 10.19 -5.34
N ASP A 97 -8.10 11.04 -5.07
CA ASP A 97 -8.06 12.38 -5.65
C ASP A 97 -7.87 12.34 -7.14
N TYR A 98 -7.14 11.34 -7.63
CA TYR A 98 -7.02 11.20 -9.07
C TYR A 98 -8.37 10.88 -9.76
N ILE A 99 -9.19 10.06 -9.11
CA ILE A 99 -10.49 9.67 -9.66
C ILE A 99 -11.42 10.90 -9.69
N ILE A 100 -11.43 11.66 -8.61
CA ILE A 100 -12.27 12.86 -8.51
C ILE A 100 -11.88 13.87 -9.62
N SER A 101 -10.59 14.06 -9.82
CA SER A 101 -10.13 14.99 -10.87
C SER A 101 -10.53 14.58 -12.29
N GLN A 102 -10.62 13.28 -12.54
CA GLN A 102 -11.00 12.74 -13.87
C GLN A 102 -12.48 12.45 -13.99
N ASP A 103 -13.21 12.58 -12.89
CA ASP A 103 -14.61 12.16 -12.74
CA ASP A 103 -14.62 12.15 -12.74
C ASP A 103 -14.72 10.62 -12.60
N ARG A 104 -14.28 9.90 -13.62
CA ARG A 104 -14.20 8.44 -13.59
C ARG A 104 -13.22 8.04 -14.65
N LEU A 105 -12.73 6.81 -14.58
CA LEU A 105 -11.78 6.34 -15.53
C LEU A 105 -12.51 5.50 -16.55
N SER A 106 -11.99 5.53 -17.78
CA SER A 106 -12.41 4.63 -18.84
C SER A 106 -12.11 3.23 -18.36
N GLU A 107 -12.80 2.27 -18.96
CA GLU A 107 -12.54 0.87 -18.63
CA GLU A 107 -12.57 0.85 -18.71
C GLU A 107 -11.11 0.46 -18.92
N GLU A 108 -10.50 1.00 -19.99
CA GLU A 108 -9.11 0.74 -20.36
C GLU A 108 -8.14 1.16 -19.28
N GLU A 109 -8.30 2.39 -18.81
CA GLU A 109 -7.41 2.95 -17.79
C GLU A 109 -7.69 2.33 -16.42
N THR A 110 -8.96 2.07 -16.11
CA THR A 110 -9.36 1.34 -14.91
C THR A 110 -8.62 0.02 -14.86
N ARG A 111 -8.61 -0.71 -15.98
CA ARG A 111 -7.91 -2.00 -16.04
C ARG A 111 -6.40 -1.84 -15.72
N VAL A 112 -5.77 -0.81 -16.26
CA VAL A 112 -4.34 -0.55 -16.03
C VAL A 112 -4.10 -0.39 -14.54
N VAL A 113 -4.92 0.40 -13.91
CA VAL A 113 -4.84 0.68 -12.49
C VAL A 113 -5.22 -0.52 -11.65
N PHE A 114 -6.34 -1.14 -12.00
CA PHE A 114 -6.88 -2.23 -11.22
C PHE A 114 -5.98 -3.46 -11.18
N ARG A 115 -5.29 -3.76 -12.28
CA ARG A 115 -4.39 -4.89 -12.31
C ARG A 115 -3.23 -4.70 -11.34
N GLN A 116 -2.85 -3.45 -11.07
CA GLN A 116 -1.81 -3.15 -10.09
C GLN A 116 -2.33 -3.41 -8.66
N ILE A 117 -3.57 -3.05 -8.41
CA ILE A 117 -4.22 -3.26 -7.12
C ILE A 117 -4.32 -4.78 -6.90
N VAL A 118 -4.77 -5.53 -7.90
CA VAL A 118 -4.90 -6.98 -7.77
C VAL A 118 -3.53 -7.63 -7.56
N SER A 119 -2.53 -7.19 -8.31
CA SER A 119 -1.14 -7.61 -8.10
C SER A 119 -0.68 -7.42 -6.65
N ALA A 120 -0.86 -6.23 -6.10
CA ALA A 120 -0.47 -5.97 -4.68
C ALA A 120 -1.23 -6.87 -3.71
N VAL A 121 -2.55 -6.93 -3.86
CA VAL A 121 -3.39 -7.59 -2.86
C VAL A 121 -3.17 -9.14 -2.92
N ALA A 122 -3.09 -9.68 -4.14
CA ALA A 122 -2.83 -11.13 -4.32
C ALA A 122 -1.47 -11.52 -3.71
N TYR A 123 -0.47 -10.67 -3.87
CA TYR A 123 0.82 -10.86 -3.19
C TYR A 123 0.70 -10.84 -1.70
N VAL A 124 0.01 -9.84 -1.16
CA VAL A 124 -0.26 -9.75 0.29
C VAL A 124 -0.87 -11.09 0.78
N HIS A 125 -1.86 -11.59 0.05
CA HIS A 125 -2.52 -12.86 0.40
C HIS A 125 -1.56 -14.03 0.26
N SER A 126 -0.69 -13.99 -0.74
CA SER A 126 0.29 -15.08 -0.96
C SER A 126 1.30 -15.19 0.18
N GLN A 127 1.53 -14.09 0.90
CA GLN A 127 2.37 -14.07 2.09
C GLN A 127 1.62 -14.35 3.38
N GLY A 128 0.35 -14.71 3.29
CA GLY A 128 -0.45 -15.08 4.46
C GLY A 128 -1.21 -13.97 5.17
N TYR A 129 -1.35 -12.79 4.53
CA TYR A 129 -2.06 -11.66 5.14
C TYR A 129 -3.34 -11.29 4.39
N ALA A 130 -4.27 -10.64 5.08
CA ALA A 130 -5.35 -9.88 4.46
C ALA A 130 -5.12 -8.39 4.81
N HIS A 131 -5.31 -7.48 3.86
CA HIS A 131 -5.11 -6.06 4.13
C HIS A 131 -6.23 -5.50 5.02
N ARG A 132 -7.48 -5.74 4.61
CA ARG A 132 -8.69 -5.43 5.37
C ARG A 132 -9.10 -3.94 5.42
N ASP A 133 -8.37 -3.08 4.74
CA ASP A 133 -8.68 -1.67 4.67
C ASP A 133 -8.36 -1.10 3.29
N LEU A 134 -8.81 -1.82 2.28
CA LEU A 134 -8.53 -1.44 0.89
C LEU A 134 -9.55 -0.40 0.49
N LYS A 135 -9.04 0.70 -0.04
CA LYS A 135 -9.85 1.84 -0.47
C LYS A 135 -8.90 2.78 -1.22
N PRO A 136 -9.45 3.69 -2.03
CA PRO A 136 -8.55 4.45 -2.90
C PRO A 136 -7.69 5.50 -2.18
N GLU A 137 -8.02 5.82 -0.93
CA GLU A 137 -7.17 6.65 -0.10
C GLU A 137 -5.86 5.94 0.24
N ASN A 138 -5.89 4.59 0.26
CA ASN A 138 -4.73 3.76 0.61
C ASN A 138 -3.94 3.22 -0.55
N LEU A 139 -4.16 3.82 -1.73
CA LEU A 139 -3.42 3.52 -2.92
C LEU A 139 -2.87 4.83 -3.44
N LEU A 140 -1.54 4.91 -3.58
CA LEU A 140 -0.85 6.13 -3.97
C LEU A 140 -0.11 5.98 -5.29
N PHE A 141 0.02 7.07 -6.03
CA PHE A 141 0.85 7.07 -7.24
C PHE A 141 2.31 7.45 -6.94
N ASP A 142 3.23 6.58 -7.32
CA ASP A 142 4.67 6.88 -7.24
C ASP A 142 5.13 7.76 -8.42
N GLU A 143 6.42 8.08 -8.49
CA GLU A 143 6.96 8.95 -9.57
C GLU A 143 6.69 8.43 -10.99
N TYR A 144 6.64 7.10 -11.14
CA TYR A 144 6.26 6.44 -12.40
C TYR A 144 4.74 6.44 -12.70
N HIS A 145 3.91 7.04 -11.84
CA HIS A 145 2.45 6.91 -11.92
C HIS A 145 2.02 5.42 -11.81
N LYS A 146 2.78 4.63 -11.05
CA LYS A 146 2.38 3.27 -10.68
C LYS A 146 1.82 3.29 -9.27
N LEU A 147 0.95 2.35 -8.94
CA LEU A 147 0.27 2.37 -7.66
C LEU A 147 1.09 1.69 -6.56
N LYS A 148 0.99 2.24 -5.37
CA LYS A 148 1.57 1.68 -4.19
C LYS A 148 0.53 1.60 -3.08
N LEU A 149 0.37 0.41 -2.54
CA LEU A 149 -0.52 0.16 -1.44
C LEU A 149 0.12 0.56 -0.10
N ILE A 150 -0.66 1.25 0.73
CA ILE A 150 -0.23 1.68 2.07
C ILE A 150 -1.20 1.20 3.18
N ASP A 151 -0.75 1.44 4.41
CA ASP A 151 -1.55 1.34 5.65
C ASP A 151 -1.92 -0.08 5.98
N PHE A 152 -0.95 -0.79 6.54
CA PHE A 152 -1.10 -2.17 6.94
C PHE A 152 -1.44 -2.34 8.43
N GLY A 153 -1.97 -1.28 9.05
CA GLY A 153 -2.33 -1.29 10.48
C GLY A 153 -3.41 -2.28 10.90
N LEU A 154 -4.30 -2.61 9.96
CA LEU A 154 -5.41 -3.54 10.17
C LEU A 154 -5.19 -4.89 9.50
N CYS A 155 -3.98 -5.15 9.01
CA CYS A 155 -3.77 -6.37 8.24
CA CYS A 155 -3.67 -6.37 8.25
C CYS A 155 -3.85 -7.55 9.22
N ALA A 156 -4.35 -8.68 8.75
CA ALA A 156 -4.48 -9.88 9.60
C ALA A 156 -3.60 -10.99 9.07
N LYS A 157 -3.11 -11.85 9.96
CA LYS A 157 -2.33 -13.05 9.61
C LYS A 157 -2.77 -14.23 10.46
N SER A 172 -13.95 3.61 5.49
CA SER A 172 -13.80 2.19 5.76
C SER A 172 -15.11 1.43 5.55
N LEU A 173 -16.20 1.83 6.21
CA LEU A 173 -17.46 1.05 6.17
C LEU A 173 -17.97 0.82 4.75
N ALA A 174 -17.85 1.84 3.92
CA ALA A 174 -18.24 1.80 2.52
C ALA A 174 -17.55 0.71 1.73
N TYR A 175 -16.35 0.32 2.20
CA TYR A 175 -15.49 -0.67 1.57
C TYR A 175 -15.49 -2.02 2.27
N ALA A 176 -16.16 -2.14 3.42
CA ALA A 176 -16.12 -3.36 4.20
C ALA A 176 -17.17 -4.38 3.72
N ALA A 177 -16.73 -5.63 3.61
CA ALA A 177 -17.58 -6.73 3.19
C ALA A 177 -18.66 -7.02 4.25
N PRO A 178 -19.87 -7.44 3.83
CA PRO A 178 -20.98 -7.84 4.70
C PRO A 178 -20.54 -8.78 5.81
N GLU A 179 -19.77 -9.81 5.48
CA GLU A 179 -19.40 -10.83 6.48
C GLU A 179 -18.48 -10.26 7.55
N LEU A 180 -17.64 -9.31 7.15
CA LEU A 180 -16.65 -8.69 8.05
C LEU A 180 -17.35 -7.72 8.98
N ILE A 181 -18.26 -6.92 8.44
CA ILE A 181 -19.10 -6.06 9.27
C ILE A 181 -20.03 -6.87 10.18
N GLN A 182 -20.44 -8.07 9.76
CA GLN A 182 -21.21 -8.96 10.61
C GLN A 182 -20.36 -9.76 11.65
N GLY A 183 -19.04 -9.60 11.66
CA GLY A 183 -18.17 -10.43 12.50
C GLY A 183 -18.25 -11.91 12.15
N LYS A 184 -17.86 -12.24 10.90
CA LYS A 184 -17.87 -13.61 10.35
C LYS A 184 -19.23 -14.28 10.50
N LEU A 187 -13.09 -14.20 7.40
CA LEU A 187 -12.77 -14.59 6.03
C LEU A 187 -12.06 -13.47 5.27
N GLY A 188 -10.81 -13.22 5.67
CA GLY A 188 -10.05 -12.02 5.28
C GLY A 188 -9.75 -11.93 3.80
N SER A 189 -9.47 -13.08 3.20
CA SER A 189 -9.24 -13.19 1.76
C SER A 189 -10.42 -12.70 0.96
N GLU A 190 -11.59 -13.30 1.20
CA GLU A 190 -12.83 -13.00 0.47
CA GLU A 190 -12.77 -12.97 0.37
C GLU A 190 -13.27 -11.54 0.70
N ALA A 191 -12.99 -11.04 1.90
CA ALA A 191 -13.32 -9.68 2.29
C ALA A 191 -12.53 -8.67 1.47
N ASP A 192 -11.25 -8.95 1.25
CA ASP A 192 -10.43 -8.09 0.37
C ASP A 192 -10.97 -8.05 -1.05
N VAL A 193 -11.50 -9.18 -1.53
CA VAL A 193 -12.07 -9.24 -2.89
C VAL A 193 -13.30 -8.31 -3.00
N TRP A 194 -14.18 -8.37 -1.99
CA TRP A 194 -15.31 -7.47 -1.87
C TRP A 194 -14.83 -6.01 -1.95
N SER A 195 -13.86 -5.65 -1.13
CA SER A 195 -13.32 -4.30 -1.12
C SER A 195 -12.74 -3.87 -2.49
N MET A 196 -12.08 -4.80 -3.17
CA MET A 196 -11.57 -4.55 -4.53
C MET A 196 -12.70 -4.35 -5.54
N GLY A 197 -13.84 -5.00 -5.32
CA GLY A 197 -15.06 -4.76 -6.12
C GLY A 197 -15.60 -3.35 -5.95
N ILE A 198 -15.59 -2.83 -4.74
CA ILE A 198 -16.03 -1.48 -4.44
C ILE A 198 -15.04 -0.53 -5.11
N LEU A 199 -13.76 -0.82 -4.98
CA LEU A 199 -12.73 -0.05 -5.69
C LEU A 199 -12.93 -0.01 -7.20
N LEU A 200 -13.16 -1.18 -7.77
CA LEU A 200 -13.42 -1.28 -9.19
C LEU A 200 -14.61 -0.40 -9.58
N TYR A 201 -15.69 -0.47 -8.79
CA TYR A 201 -16.89 0.34 -9.01
C TYR A 201 -16.58 1.86 -9.00
N VAL A 202 -15.81 2.30 -8.01
CA VAL A 202 -15.49 3.71 -7.86
C VAL A 202 -14.60 4.18 -9.02
N LEU A 203 -13.64 3.35 -9.42
CA LEU A 203 -12.78 3.68 -10.58
C LEU A 203 -13.61 3.96 -11.85
N MET A 204 -14.57 3.10 -12.12
CA MET A 204 -15.38 3.18 -13.35
C MET A 204 -16.59 4.12 -13.24
N CYS A 205 -17.11 4.31 -12.03
CA CYS A 205 -18.33 5.13 -11.85
C CYS A 205 -18.07 6.50 -11.25
N GLY A 206 -17.08 6.60 -10.38
CA GLY A 206 -16.74 7.86 -9.74
C GLY A 206 -17.57 8.16 -8.52
N PHE A 207 -18.31 7.18 -8.02
CA PHE A 207 -19.02 7.28 -6.75
C PHE A 207 -19.14 5.86 -6.20
N LEU A 208 -19.53 5.77 -4.93
CA LEU A 208 -19.64 4.49 -4.23
C LEU A 208 -20.87 3.75 -4.68
N PRO A 209 -20.81 2.40 -4.70
CA PRO A 209 -22.00 1.64 -4.99
C PRO A 209 -22.98 1.67 -3.79
N PHE A 210 -22.45 1.74 -2.58
CA PHE A 210 -23.24 1.80 -1.37
C PHE A 210 -22.86 3.03 -0.57
N ASP A 211 -23.80 3.93 -0.37
CA ASP A 211 -23.47 5.17 0.34
C ASP A 211 -24.69 5.74 1.02
N ASP A 212 -24.47 6.34 2.18
CA ASP A 212 -25.54 6.97 2.92
C ASP A 212 -24.91 7.78 4.02
N ASP A 213 -25.57 8.88 4.39
CA ASP A 213 -25.15 9.69 5.53
C ASP A 213 -25.34 8.96 6.86
N ASN A 214 -26.27 8.03 6.93
CA ASN A 214 -26.62 7.32 8.16
C ASN A 214 -25.97 5.93 8.08
N VAL A 215 -25.11 5.64 9.05
CA VAL A 215 -24.25 4.46 9.05
C VAL A 215 -25.02 3.13 9.02
N MET A 216 -26.13 3.06 9.76
CA MET A 216 -26.97 1.87 9.74
C MET A 216 -27.71 1.67 8.42
N ALA A 217 -28.09 2.76 7.77
CA ALA A 217 -28.72 2.70 6.47
C ALA A 217 -27.68 2.26 5.42
N LEU A 218 -26.43 2.68 5.60
CA LEU A 218 -25.33 2.22 4.75
C LEU A 218 -25.15 0.73 4.96
N TYR A 219 -25.13 0.32 6.22
CA TYR A 219 -24.99 -1.07 6.58
C TYR A 219 -26.09 -1.91 5.89
N LYS A 220 -27.33 -1.41 5.89
CA LYS A 220 -28.45 -2.13 5.24
C LYS A 220 -28.22 -2.27 3.73
N LYS A 221 -27.82 -1.19 3.08
CA LYS A 221 -27.52 -1.23 1.66
C LYS A 221 -26.46 -2.23 1.30
N ILE A 222 -25.43 -2.32 2.13
CA ILE A 222 -24.37 -3.29 1.92
C ILE A 222 -24.90 -4.72 2.00
N MET A 223 -25.67 -5.01 3.07
CA MET A 223 -26.25 -6.31 3.28
C MET A 223 -27.19 -6.71 2.17
N ARG A 224 -27.96 -5.77 1.64
CA ARG A 224 -28.84 -6.06 0.51
C ARG A 224 -28.08 -6.30 -0.80
N GLY A 225 -26.93 -5.65 -0.98
CA GLY A 225 -26.10 -5.86 -2.17
C GLY A 225 -26.60 -5.31 -3.49
N LYS A 226 -27.58 -4.40 -3.46
CA LYS A 226 -28.15 -3.79 -4.65
C LYS A 226 -27.47 -2.48 -4.89
N TYR A 227 -27.12 -2.21 -6.13
CA TYR A 227 -26.46 -0.97 -6.46
C TYR A 227 -26.86 -0.50 -7.83
N ASP A 228 -26.69 0.80 -8.05
CA ASP A 228 -26.92 1.37 -9.36
C ASP A 228 -25.88 0.86 -10.38
N VAL A 229 -26.33 0.59 -11.60
CA VAL A 229 -25.45 0.17 -12.69
C VAL A 229 -25.50 1.25 -13.75
N PRO A 230 -24.46 2.11 -13.82
CA PRO A 230 -24.49 3.22 -14.79
C PRO A 230 -24.45 2.79 -16.24
N LYS A 231 -24.94 3.66 -17.11
CA LYS A 231 -25.15 3.36 -18.52
C LYS A 231 -23.84 3.21 -19.31
N TRP A 232 -22.74 3.77 -18.80
CA TRP A 232 -21.46 3.66 -19.51
C TRP A 232 -20.72 2.31 -19.26
N LEU A 233 -21.17 1.48 -18.33
CA LEU A 233 -20.47 0.21 -18.04
C LEU A 233 -20.73 -0.88 -19.10
N SER A 234 -19.66 -1.55 -19.55
CA SER A 234 -19.78 -2.67 -20.49
C SER A 234 -20.37 -3.88 -19.79
N PRO A 235 -21.04 -4.77 -20.53
CA PRO A 235 -21.58 -6.00 -19.97
C PRO A 235 -20.56 -6.84 -19.20
N SER A 236 -19.35 -6.92 -19.72
CA SER A 236 -18.30 -7.68 -19.04
C SER A 236 -17.88 -7.05 -17.71
N SER A 237 -17.86 -5.73 -17.62
CA SER A 237 -17.54 -5.04 -16.38
C SER A 237 -18.64 -5.27 -15.34
N ILE A 238 -19.89 -5.25 -15.79
CA ILE A 238 -21.06 -5.43 -14.96
C ILE A 238 -21.01 -6.82 -14.36
N LEU A 239 -20.67 -7.78 -15.20
CA LEU A 239 -20.50 -9.15 -14.76
C LEU A 239 -19.40 -9.25 -13.71
N LEU A 240 -18.24 -8.64 -13.96
CA LEU A 240 -17.16 -8.74 -12.99
C LEU A 240 -17.60 -8.15 -11.63
N LEU A 241 -18.26 -6.99 -11.64
CA LEU A 241 -18.75 -6.38 -10.40
C LEU A 241 -19.70 -7.27 -9.64
N GLN A 242 -20.64 -7.86 -10.38
CA GLN A 242 -21.55 -8.84 -9.81
C GLN A 242 -20.85 -10.01 -9.16
N GLN A 243 -19.78 -10.49 -9.77
CA GLN A 243 -19.01 -11.61 -9.19
C GLN A 243 -18.18 -11.21 -7.96
N MET A 244 -17.68 -9.97 -7.93
CA MET A 244 -16.91 -9.47 -6.78
C MET A 244 -17.78 -8.97 -5.63
N LEU A 245 -18.95 -8.42 -5.96
CA LEU A 245 -19.89 -7.85 -4.98
C LEU A 245 -21.05 -8.78 -4.63
N GLN A 246 -20.74 -10.06 -4.48
CA GLN A 246 -21.67 -11.01 -3.95
C GLN A 246 -21.63 -10.88 -2.46
N VAL A 247 -22.81 -10.68 -1.85
CA VAL A 247 -22.93 -10.58 -0.40
C VAL A 247 -22.45 -11.85 0.30
N ASP A 248 -22.72 -13.00 -0.29
CA ASP A 248 -22.28 -14.28 0.26
C ASP A 248 -20.83 -14.54 -0.19
N PRO A 249 -19.86 -14.57 0.75
CA PRO A 249 -18.48 -14.80 0.32
C PRO A 249 -18.25 -16.14 -0.40
N LYS A 250 -19.12 -17.12 -0.20
CA LYS A 250 -18.99 -18.41 -0.86
C LYS A 250 -19.33 -18.30 -2.33
N LYS A 251 -20.22 -17.39 -2.69
CA LYS A 251 -20.58 -17.15 -4.09
C LYS A 251 -19.71 -16.09 -4.78
N ARG A 252 -18.87 -15.39 -4.00
CA ARG A 252 -17.98 -14.36 -4.51
C ARG A 252 -16.81 -15.00 -5.25
N ILE A 253 -16.41 -14.38 -6.36
CA ILE A 253 -15.19 -14.77 -7.09
C ILE A 253 -13.95 -14.85 -6.18
N SER A 254 -13.21 -15.94 -6.27
CA SER A 254 -12.00 -16.10 -5.46
C SER A 254 -10.90 -15.31 -6.09
N MET A 255 -9.91 -14.94 -5.29
CA MET A 255 -8.72 -14.26 -5.77
C MET A 255 -8.10 -14.95 -7.00
N LYS A 256 -8.06 -16.28 -6.95
CA LYS A 256 -7.52 -17.12 -8.02
C LYS A 256 -8.11 -16.73 -9.38
N ASN A 257 -9.44 -16.81 -9.49
CA ASN A 257 -10.13 -16.52 -10.74
C ASN A 257 -10.22 -15.04 -11.12
N LEU A 258 -9.90 -14.16 -10.20
CA LEU A 258 -9.81 -12.75 -10.51
C LEU A 258 -8.57 -12.51 -11.36
N LEU A 259 -7.50 -13.24 -11.06
CA LEU A 259 -6.22 -13.05 -11.73
C LEU A 259 -6.25 -13.20 -13.24
N ASN A 260 -7.10 -14.08 -13.75
CA ASN A 260 -7.20 -14.33 -15.20
C ASN A 260 -8.63 -14.16 -15.71
N HIS A 261 -9.43 -13.34 -15.04
CA HIS A 261 -10.82 -13.11 -15.44
C HIS A 261 -10.84 -12.45 -16.84
N PRO A 262 -11.81 -12.83 -17.70
CA PRO A 262 -11.80 -12.28 -19.07
C PRO A 262 -11.76 -10.76 -19.18
N TRP A 263 -12.53 -10.07 -18.36
CA TRP A 263 -12.44 -8.59 -18.29
C TRP A 263 -11.02 -8.09 -17.95
N ILE A 264 -10.41 -8.74 -16.98
CA ILE A 264 -9.04 -8.45 -16.53
C ILE A 264 -8.02 -8.72 -17.66
N MET A 265 -8.29 -9.75 -18.47
CA MET A 265 -7.38 -10.16 -19.56
C MET A 265 -7.49 -9.33 -20.84
N GLN A 266 -8.59 -8.60 -21.01
CA GLN A 266 -8.83 -7.77 -22.19
C GLN A 266 -7.63 -6.83 -22.42
N ASP A 267 -7.07 -6.85 -23.64
CA ASP A 267 -5.87 -6.07 -24.05
C ASP A 267 -4.53 -6.49 -23.43
N TYR A 268 -4.53 -7.44 -22.50
CA TYR A 268 -3.31 -7.96 -21.89
C TYR A 268 -3.03 -9.38 -22.35
N ASN A 269 -4.04 -10.24 -22.26
CA ASN A 269 -3.96 -11.66 -22.61
C ASN A 269 -3.03 -12.50 -21.74
N TYR A 270 -2.65 -11.98 -20.58
CA TYR A 270 -1.96 -12.79 -19.59
C TYR A 270 -2.53 -12.43 -18.21
N PRO A 271 -2.54 -13.39 -17.30
CA PRO A 271 -3.07 -13.14 -15.95
C PRO A 271 -2.26 -12.05 -15.19
N VAL A 272 -2.87 -11.46 -14.17
CA VAL A 272 -2.22 -10.41 -13.39
C VAL A 272 -0.88 -10.94 -12.87
N GLU A 273 0.18 -10.18 -13.05
CA GLU A 273 1.48 -10.50 -12.47
C GLU A 273 1.63 -10.04 -11.03
N TRP A 274 1.44 -10.97 -10.10
CA TRP A 274 1.33 -10.68 -8.65
C TRP A 274 2.61 -10.95 -7.87
N GLN A 275 3.50 -11.79 -8.42
CA GLN A 275 4.71 -12.19 -7.70
C GLN A 275 5.60 -10.99 -7.62
N SER A 276 6.30 -10.85 -6.50
CA SER A 276 7.27 -9.77 -6.37
C SER A 276 8.32 -9.86 -7.46
N LYS A 277 8.55 -8.74 -8.12
CA LYS A 277 9.57 -8.57 -9.12
C LYS A 277 10.86 -8.00 -8.53
N ASN A 278 10.86 -7.64 -7.25
CA ASN A 278 12.02 -7.00 -6.60
C ASN A 278 12.38 -7.64 -5.24
N PRO A 279 12.32 -8.99 -5.12
CA PRO A 279 12.50 -9.61 -3.81
C PRO A 279 13.94 -9.48 -3.29
N PHE A 280 14.12 -9.61 -1.98
CA PHE A 280 15.45 -9.55 -1.35
C PHE A 280 16.12 -10.93 -1.40
N ILE A 281 17.01 -11.09 -2.37
CA ILE A 281 17.77 -12.33 -2.54
C ILE A 281 19.12 -12.15 -1.81
N HIS A 282 20.13 -11.63 -2.48
CA HIS A 282 21.43 -11.37 -1.86
C HIS A 282 21.59 -9.86 -1.78
N LEU A 283 22.39 -9.40 -0.81
CA LEU A 283 22.73 -7.98 -0.73
C LEU A 283 23.30 -7.51 -2.06
N ASP A 284 23.04 -6.25 -2.40
CA ASP A 284 23.56 -5.63 -3.60
C ASP A 284 24.98 -5.07 -3.39
N ASP A 285 25.91 -5.45 -4.25
CA ASP A 285 27.33 -5.12 -4.07
C ASP A 285 27.62 -3.64 -4.16
N ASP A 286 26.96 -2.95 -5.09
CA ASP A 286 27.20 -1.52 -5.26
C ASP A 286 26.81 -0.74 -4.01
N CYS A 287 25.66 -1.13 -3.43
CA CYS A 287 25.17 -0.50 -2.21
C CYS A 287 26.13 -0.73 -1.04
N VAL A 288 26.49 -1.98 -0.82
CA VAL A 288 27.44 -2.37 0.22
C VAL A 288 28.76 -1.63 0.05
N THR A 289 29.30 -1.68 -1.17
CA THR A 289 30.53 -0.99 -1.52
C THR A 289 30.47 0.46 -1.21
N GLU A 290 29.45 1.13 -1.71
CA GLU A 290 29.31 2.57 -1.46
C GLU A 290 29.23 2.90 0.03
N LEU A 291 28.53 2.06 0.78
CA LEU A 291 28.42 2.27 2.23
C LEU A 291 29.80 2.12 2.88
N SER A 292 30.53 1.07 2.51
CA SER A 292 31.85 0.78 3.07
CA SER A 292 31.85 0.78 3.07
C SER A 292 32.85 1.90 2.78
N VAL A 293 32.85 2.35 1.53
CA VAL A 293 33.68 3.48 1.09
C VAL A 293 33.32 4.80 1.76
N HIS A 294 32.03 5.13 1.82
CA HIS A 294 31.59 6.38 2.43
C HIS A 294 31.88 6.40 3.94
N HIS A 295 31.61 5.28 4.61
CA HIS A 295 31.82 5.19 6.07
C HIS A 295 33.26 4.82 6.45
N ARG A 296 34.10 4.49 5.45
CA ARG A 296 35.45 3.96 5.66
C ARG A 296 35.45 2.82 6.65
N ASN A 297 34.69 1.79 6.31
CA ASN A 297 34.56 0.59 7.13
C ASN A 297 34.90 -0.62 6.32
N ASN A 298 35.46 -1.60 7.00
CA ASN A 298 35.62 -2.96 6.52
C ASN A 298 34.36 -3.47 5.78
N ARG A 299 34.54 -3.94 4.56
CA ARG A 299 33.43 -4.42 3.76
C ARG A 299 32.62 -5.56 4.41
N GLN A 300 33.32 -6.53 4.99
CA GLN A 300 32.65 -7.69 5.56
C GLN A 300 31.81 -7.30 6.78
N THR A 301 32.35 -6.41 7.61
CA THR A 301 31.60 -5.85 8.74
C THR A 301 30.35 -5.13 8.24
N MET A 302 30.51 -4.36 7.17
CA MET A 302 29.40 -3.60 6.59
C MET A 302 28.29 -4.56 6.14
N GLU A 303 28.68 -5.62 5.42
CA GLU A 303 27.76 -6.72 5.06
C GLU A 303 27.08 -7.34 6.26
N ASP A 304 27.86 -7.65 7.29
CA ASP A 304 27.29 -8.26 8.49
C ASP A 304 26.30 -7.34 9.17
N LEU A 305 26.61 -6.04 9.25
CA LEU A 305 25.70 -5.11 9.95
C LEU A 305 24.42 -4.84 9.13
N ILE A 306 24.55 -4.69 7.81
CA ILE A 306 23.33 -4.61 6.95
C ILE A 306 22.45 -5.84 7.12
N SER A 307 23.10 -7.01 7.18
CA SER A 307 22.40 -8.30 7.28
C SER A 307 21.64 -8.51 8.57
N LEU A 308 21.89 -7.71 9.60
CA LEU A 308 21.01 -7.72 10.77
C LEU A 308 19.59 -7.21 10.45
N TRP A 309 19.42 -6.40 9.38
CA TRP A 309 18.09 -5.97 8.96
C TRP A 309 17.31 -5.38 10.13
N GLN A 310 17.94 -4.43 10.81
CA GLN A 310 17.35 -3.83 12.00
C GLN A 310 16.30 -2.75 11.71
N TYR A 311 16.22 -2.28 10.45
CA TYR A 311 15.39 -1.13 10.10
C TYR A 311 15.78 0.12 10.92
N ASP A 312 17.08 0.25 11.14
CA ASP A 312 17.71 1.41 11.71
C ASP A 312 18.24 2.22 10.52
N HIS A 313 19.10 3.22 10.78
CA HIS A 313 19.52 4.14 9.73
C HIS A 313 20.39 3.50 8.68
N LEU A 314 21.14 2.46 9.07
CA LEU A 314 21.91 1.68 8.10
C LEU A 314 21.01 0.95 7.10
N THR A 315 19.99 0.27 7.58
CA THR A 315 18.94 -0.32 6.71
C THR A 315 18.35 0.73 5.79
N ALA A 316 17.97 1.89 6.37
CA ALA A 316 17.38 2.98 5.60
C ALA A 316 18.28 3.39 4.44
N THR A 317 19.56 3.61 4.74
CA THR A 317 20.54 4.04 3.76
C THR A 317 20.77 3.00 2.67
N TYR A 318 20.92 1.75 3.07
CA TYR A 318 21.04 0.65 2.13
C TYR A 318 19.84 0.59 1.15
N LEU A 319 18.63 0.54 1.70
CA LEU A 319 17.40 0.49 0.88
C LEU A 319 17.18 1.70 0.01
N LEU A 320 17.55 2.88 0.48
CA LEU A 320 17.38 4.06 -0.34
C LEU A 320 18.44 4.14 -1.46
N LEU A 321 19.62 3.54 -1.23
CA LEU A 321 20.59 3.28 -2.31
C LEU A 321 20.06 2.27 -3.36
N LEU A 322 19.49 1.14 -2.92
CA LEU A 322 18.83 0.20 -3.84
C LEU A 322 17.76 0.89 -4.68
N ALA A 323 17.04 1.84 -4.09
CA ALA A 323 15.97 2.59 -4.78
C ALA A 323 16.53 3.45 -5.91
N LYS A 324 17.67 4.08 -5.66
CA LYS A 324 18.40 4.82 -6.69
C LYS A 324 18.71 3.88 -7.86
N LYS A 325 19.22 2.69 -7.54
CA LYS A 325 19.50 1.70 -8.56
C LYS A 325 18.25 1.24 -9.29
N ALA A 326 17.16 1.02 -8.57
CA ALA A 326 15.89 0.58 -9.17
C ALA A 326 15.39 1.54 -10.25
N ARG A 327 15.67 2.82 -10.12
CA ARG A 327 15.34 3.78 -11.16
C ARG A 327 16.52 4.23 -12.04
N GLY A 328 17.51 3.34 -12.21
CA GLY A 328 18.65 3.59 -13.09
C GLY A 328 19.53 4.78 -12.74
N LYS A 329 19.62 5.14 -11.47
CA LYS A 329 20.56 6.19 -11.04
C LYS A 329 21.77 5.54 -10.38
N PRO A 330 22.91 6.23 -10.39
CA PRO A 330 24.08 5.64 -9.71
C PRO A 330 23.94 5.64 -8.18
N VAL A 331 24.54 4.64 -7.56
CA VAL A 331 24.47 4.40 -6.14
C VAL A 331 25.49 5.29 -5.40
N ARG A 332 25.12 6.55 -5.10
CA ARG A 332 26.05 7.52 -4.46
C ARG A 332 25.50 8.19 -3.19
N LEU A 333 26.29 8.17 -2.11
CA LEU A 333 25.96 8.84 -0.84
C LEU A 333 26.65 10.20 -0.69
N ARG A 334 25.90 11.20 -0.22
CA ARG A 334 26.45 12.53 0.05
C ARG A 334 27.36 12.51 1.28
#